data_5MHA
#
_entry.id   5MHA
#
_cell.length_a   62.540
_cell.length_b   76.300
_cell.length_c   66.990
_cell.angle_alpha   90.00
_cell.angle_beta   97.04
_cell.angle_gamma   90.00
#
_symmetry.space_group_name_H-M   'P 1 21 1'
#
loop_
_entity.id
_entity.type
_entity.pdbx_description
1 polymer 'D-2-hydroxyacid dehydrogenase'
2 non-polymer 'MAGNESIUM ION'
3 non-polymer 1,2-ETHANEDIOL
4 non-polymer '2-Ketohexanoic acid'
5 non-polymer 'NADPH DIHYDRO-NICOTINAMIDE-ADENINE-DINUCLEOTIDE PHOSPHATE'
6 non-polymer 'SULFATE ION'
7 non-polymer '(2R)-2-hydroxyhexanoic acid'
8 water water
#
_entity_poly.entity_id   1
_entity_poly.type   'polypeptide(L)'
_entity_poly.pdbx_seq_one_letter_code
;MHIERLAVDESVGRAMPPQRFIEALSDLGVPVEFAGEDEQFGPGDAVASFGHRDAFLDADWVHCIRAGYDEFPVGVYEEA
GTYLTNSTGIHGTTVGETVAGYMLTFARRLHAYRDAQHDHAWDLPRYEEPFTLAGERVCVVGLGTLGRGVVDRAAALGME
VVGVRRSGDPVDNVSTVYTPDRLHEAIADARFVVLATPLTDETEGMVAAPEFETMREDASLVNVARGPVVVESDLVAALD
SGDIAGAALDVFSEEPLPEDSPLWDFEDVLITPHVSAATSKYHEDVAALIRENIEKIATGDELTNRVV
;
_entity_poly.pdbx_strand_id   A,B
#
# COMPACT_ATOMS: atom_id res chain seq x y z
N MET A 1 -17.95 -27.91 32.41
CA MET A 1 -16.48 -27.97 32.12
C MET A 1 -15.67 -27.07 33.08
N HIS A 2 -14.68 -27.66 33.74
CA HIS A 2 -13.75 -26.94 34.59
C HIS A 2 -12.36 -27.25 34.09
N ILE A 3 -11.67 -26.23 33.58
CA ILE A 3 -10.32 -26.41 33.02
C ILE A 3 -9.31 -26.38 34.16
N GLU A 4 -8.44 -27.40 34.18
CA GLU A 4 -7.35 -27.50 35.13
C GLU A 4 -5.99 -27.18 34.48
N ARG A 5 -5.87 -27.24 33.16
CA ARG A 5 -4.57 -27.08 32.49
C ARG A 5 -4.77 -26.52 31.07
N LEU A 6 -3.84 -25.68 30.61
CA LEU A 6 -3.76 -25.25 29.18
C LEU A 6 -2.50 -25.83 28.57
N ALA A 7 -2.67 -26.78 27.65
CA ALA A 7 -1.55 -27.35 26.91
C ALA A 7 -1.34 -26.52 25.64
N VAL A 8 -0.08 -26.13 25.38
CA VAL A 8 0.33 -25.41 24.16
C VAL A 8 1.06 -26.37 23.23
N ASP A 9 0.33 -26.83 22.21
CA ASP A 9 0.89 -27.75 21.20
C ASP A 9 2.02 -27.10 20.44
N GLU A 10 3.06 -27.91 20.16
CA GLU A 10 4.27 -27.46 19.46
C GLU A 10 4.02 -26.86 18.07
N SER A 11 2.90 -27.22 17.45
CA SER A 11 2.55 -26.69 16.12
C SER A 11 2.28 -25.18 16.12
N VAL A 12 2.06 -24.58 17.29
CA VAL A 12 1.95 -23.13 17.39
C VAL A 12 3.22 -22.43 16.90
N GLY A 13 4.37 -23.09 16.98
CA GLY A 13 5.65 -22.62 16.42
C GLY A 13 5.63 -22.28 14.92
N ARG A 14 4.64 -22.80 14.21
CA ARG A 14 4.42 -22.42 12.81
C ARG A 14 3.96 -20.97 12.65
N ALA A 15 3.32 -20.40 13.70
CA ALA A 15 2.81 -19.01 13.68
C ALA A 15 3.59 -18.04 14.57
N MET A 16 4.12 -18.52 15.70
CA MET A 16 4.83 -17.64 16.64
C MET A 16 5.75 -18.46 17.54
N PRO A 17 6.83 -17.86 18.04
CA PRO A 17 7.63 -18.62 19.02
C PRO A 17 6.82 -19.06 20.25
N PRO A 18 6.85 -20.38 20.56
CA PRO A 18 5.98 -20.90 21.64
C PRO A 18 6.29 -20.27 22.99
N GLN A 19 7.55 -19.93 23.24
CA GLN A 19 7.93 -19.30 24.52
C GLN A 19 7.23 -17.95 24.70
N ARG A 20 7.04 -17.23 23.60
CA ARG A 20 6.35 -15.93 23.62
C ARG A 20 4.87 -16.07 23.92
N PHE A 21 4.22 -17.09 23.32
CA PHE A 21 2.82 -17.39 23.57
C PHE A 21 2.61 -17.93 25.02
N ILE A 22 3.45 -18.86 25.47
CA ILE A 22 3.37 -19.43 26.82
C ILE A 22 3.44 -18.32 27.88
N GLU A 23 4.39 -17.39 27.72
CA GLU A 23 4.55 -16.25 28.66
C GLU A 23 3.39 -15.24 28.68
N ALA A 24 2.70 -15.09 27.54
CA ALA A 24 1.54 -14.21 27.43
C ALA A 24 0.26 -14.82 27.99
N LEU A 25 0.30 -16.11 28.33
CA LEU A 25 -0.83 -16.80 28.95
C LEU A 25 -0.59 -17.06 30.47
N SER A 26 0.19 -16.19 31.12
CA SER A 26 0.66 -16.44 32.48
C SER A 26 -0.39 -16.23 33.60
N ASP A 27 -1.45 -15.47 33.30
CA ASP A 27 -2.45 -15.07 34.30
C ASP A 27 -3.85 -15.70 34.08
N LEU A 28 -3.84 -16.98 33.66
CA LEU A 28 -5.08 -17.69 33.33
C LEU A 28 -5.80 -18.37 34.51
N GLY A 29 -5.10 -18.50 35.64
CA GLY A 29 -5.64 -19.24 36.79
C GLY A 29 -5.44 -20.73 36.70
N VAL A 30 -4.75 -21.18 35.65
CA VAL A 30 -4.35 -22.58 35.45
C VAL A 30 -2.95 -22.62 34.84
N PRO A 31 -2.22 -23.74 35.05
CA PRO A 31 -0.87 -23.86 34.51
C PRO A 31 -0.88 -23.96 32.98
N VAL A 32 0.15 -23.40 32.36
CA VAL A 32 0.33 -23.45 30.90
C VAL A 32 1.59 -24.26 30.64
N GLU A 33 1.44 -25.37 29.94
CA GLU A 33 2.52 -26.30 29.68
C GLU A 33 2.64 -26.52 28.19
N PHE A 34 3.88 -26.65 27.70
CA PHE A 34 4.17 -27.07 26.34
C PHE A 34 3.79 -28.54 26.17
N ALA A 35 3.36 -28.91 24.96
CA ALA A 35 3.02 -30.31 24.60
C ALA A 35 3.68 -30.73 23.29
N GLY A 36 4.59 -31.71 23.35
CA GLY A 36 5.14 -32.33 22.14
C GLY A 36 4.09 -33.14 21.39
N GLU A 37 4.46 -33.64 20.22
CA GLU A 37 3.52 -34.41 19.37
C GLU A 37 3.02 -35.71 20.01
N ASP A 38 3.80 -36.29 20.92
CA ASP A 38 3.37 -37.45 21.70
C ASP A 38 3.04 -36.99 23.11
N GLU A 39 1.77 -36.63 23.30
CA GLU A 39 1.23 -36.15 24.58
C GLU A 39 -0.15 -36.75 24.79
N GLN A 40 -0.45 -37.12 26.04
CA GLN A 40 -1.75 -37.67 26.42
C GLN A 40 -2.61 -36.58 27.02
N PHE A 41 -3.92 -36.65 26.73
CA PHE A 41 -4.88 -35.66 27.24
C PHE A 41 -6.06 -36.35 27.90
N GLY A 42 -6.61 -35.68 28.92
CA GLY A 42 -7.75 -36.21 29.68
C GLY A 42 -8.69 -35.09 30.09
N PRO A 43 -9.69 -35.42 30.93
CA PRO A 43 -10.59 -34.38 31.45
C PRO A 43 -9.82 -33.25 32.14
N GLY A 44 -10.37 -32.04 32.08
CA GLY A 44 -9.69 -30.85 32.59
C GLY A 44 -8.69 -30.18 31.64
N ASP A 45 -8.24 -30.88 30.59
CA ASP A 45 -7.27 -30.29 29.64
C ASP A 45 -7.92 -29.44 28.56
N ALA A 46 -7.40 -28.22 28.41
CA ALA A 46 -7.60 -27.38 27.20
C ALA A 46 -6.28 -27.40 26.41
N VAL A 47 -6.37 -27.33 25.08
CA VAL A 47 -5.20 -27.31 24.20
C VAL A 47 -5.27 -26.08 23.27
N ALA A 48 -4.11 -25.45 23.05
CA ALA A 48 -3.93 -24.39 22.06
C ALA A 48 -3.03 -24.95 20.97
N SER A 49 -3.56 -24.99 19.73
CA SER A 49 -2.83 -25.62 18.62
C SER A 49 -3.05 -24.93 17.28
N PHE A 50 -2.09 -25.16 16.40
CA PHE A 50 -2.17 -24.75 14.99
C PHE A 50 -2.97 -25.77 14.19
N GLY A 51 -2.53 -27.03 14.27
CA GLY A 51 -3.12 -28.16 13.53
C GLY A 51 -3.82 -29.16 14.43
N HIS A 52 -4.44 -30.17 13.82
CA HIS A 52 -5.19 -31.20 14.55
C HIS A 52 -4.32 -32.41 14.87
N ARG A 53 -4.54 -33.00 16.05
CA ARG A 53 -4.09 -34.36 16.37
C ARG A 53 -5.27 -35.11 16.97
N ASP A 54 -5.45 -36.37 16.58
CA ASP A 54 -6.54 -37.22 17.11
C ASP A 54 -6.50 -37.29 18.65
N ALA A 55 -5.29 -37.28 19.21
CA ALA A 55 -5.04 -37.23 20.68
C ALA A 55 -5.83 -36.15 21.42
N PHE A 56 -6.03 -35.03 20.75
CA PHE A 56 -6.83 -33.92 21.30
C PHE A 56 -8.27 -34.25 21.69
N LEU A 57 -8.84 -35.29 21.07
CA LEU A 57 -10.25 -35.62 21.26
C LEU A 57 -10.56 -36.15 22.68
N ASP A 58 -9.52 -36.55 23.41
CA ASP A 58 -9.65 -36.89 24.85
C ASP A 58 -9.64 -35.65 25.78
N ALA A 59 -9.17 -34.50 25.27
CA ALA A 59 -9.21 -33.24 26.00
C ALA A 59 -10.61 -32.63 25.95
N ASP A 60 -10.83 -31.60 26.76
CA ASP A 60 -12.16 -30.98 26.88
C ASP A 60 -12.43 -29.90 25.85
N TRP A 61 -11.37 -29.24 25.40
CA TRP A 61 -11.44 -28.02 24.59
C TRP A 61 -10.15 -27.89 23.79
N VAL A 62 -10.25 -27.73 22.47
CA VAL A 62 -9.12 -27.28 21.65
C VAL A 62 -9.41 -25.88 21.15
N HIS A 63 -8.43 -24.99 21.29
CA HIS A 63 -8.49 -23.67 20.66
C HIS A 63 -7.51 -23.61 19.47
N CYS A 64 -8.06 -23.48 18.27
CA CYS A 64 -7.21 -23.36 17.08
C CYS A 64 -6.68 -21.91 16.99
N ILE A 65 -5.37 -21.74 16.91
CA ILE A 65 -4.72 -20.42 16.88
C ILE A 65 -4.81 -19.71 15.51
N ARG A 66 -5.54 -20.32 14.58
CA ARG A 66 -5.81 -19.77 13.24
C ARG A 66 -7.25 -19.39 13.14
N ALA A 67 -7.55 -18.53 12.18
CA ALA A 67 -8.92 -18.24 11.88
C ALA A 67 -9.53 -19.42 11.13
N GLY A 68 -8.78 -20.01 10.20
CA GLY A 68 -9.29 -21.12 9.42
C GLY A 68 -9.05 -22.47 10.08
N TYR A 69 -10.15 -23.20 10.29
CA TYR A 69 -10.18 -24.51 10.94
C TYR A 69 -10.54 -25.62 9.95
N ASP A 70 -10.34 -25.39 8.65
CA ASP A 70 -10.66 -26.42 7.61
C ASP A 70 -9.85 -27.74 7.70
N GLU A 71 -8.71 -27.72 8.41
CA GLU A 71 -7.87 -28.91 8.60
CA GLU A 71 -7.84 -28.87 8.63
C GLU A 71 -8.26 -29.64 9.90
N PHE A 72 -9.35 -29.21 10.54
CA PHE A 72 -9.89 -29.86 11.74
C PHE A 72 -11.19 -30.60 11.40
N PRO A 73 -11.29 -31.89 11.82
CA PRO A 73 -12.52 -32.65 11.56
C PRO A 73 -13.60 -32.34 12.58
N VAL A 74 -14.43 -31.37 12.21
CA VAL A 74 -15.46 -30.79 13.09
C VAL A 74 -16.49 -31.82 13.54
N GLY A 75 -16.91 -32.70 12.63
CA GLY A 75 -17.81 -33.80 12.96
C GLY A 75 -17.22 -34.74 14.00
N VAL A 76 -15.92 -35.00 13.89
CA VAL A 76 -15.20 -35.87 14.84
C VAL A 76 -15.11 -35.25 16.24
N TYR A 77 -14.97 -33.92 16.32
CA TYR A 77 -14.99 -33.20 17.60
C TYR A 77 -16.39 -33.22 18.24
N GLU A 78 -17.42 -32.90 17.45
CA GLU A 78 -18.80 -32.86 17.95
C GLU A 78 -19.18 -34.21 18.53
N GLU A 79 -18.98 -35.28 17.76
CA GLU A 79 -19.26 -36.65 18.24
C GLU A 79 -18.50 -36.96 19.53
N ALA A 80 -17.22 -36.56 19.58
CA ALA A 80 -16.36 -36.81 20.75
C ALA A 80 -16.63 -35.93 22.00
N GLY A 81 -17.51 -34.94 21.88
CA GLY A 81 -17.79 -34.01 22.98
C GLY A 81 -16.77 -32.88 23.19
N THR A 82 -15.66 -32.90 22.42
CA THR A 82 -14.58 -31.92 22.55
C THR A 82 -14.98 -30.56 21.92
N TYR A 83 -14.81 -29.48 22.68
CA TYR A 83 -15.14 -28.12 22.23
C TYR A 83 -14.04 -27.68 21.25
N LEU A 84 -14.45 -26.96 20.22
CA LEU A 84 -13.50 -26.40 19.26
C LEU A 84 -13.75 -24.92 19.07
N THR A 85 -12.73 -24.10 19.33
CA THR A 85 -12.81 -22.66 19.01
C THR A 85 -11.67 -22.32 18.01
N ASN A 86 -11.89 -21.24 17.26
CA ASN A 86 -10.88 -20.76 16.31
C ASN A 86 -10.48 -19.33 16.68
N SER A 87 -9.50 -18.76 15.98
CA SER A 87 -9.03 -17.40 16.27
C SER A 87 -9.50 -16.31 15.31
N THR A 88 -10.68 -16.45 14.70
CA THR A 88 -11.31 -15.34 13.98
C THR A 88 -11.46 -14.11 14.86
N GLY A 89 -11.27 -12.94 14.25
CA GLY A 89 -11.42 -11.66 14.91
C GLY A 89 -10.15 -10.86 15.17
N ILE A 90 -8.99 -11.47 14.94
CA ILE A 90 -7.71 -10.82 15.24
C ILE A 90 -6.83 -10.42 14.02
N HIS A 91 -7.26 -10.82 12.82
CA HIS A 91 -6.45 -10.60 11.59
C HIS A 91 -6.91 -9.44 10.70
N GLY A 92 -7.82 -8.60 11.16
CA GLY A 92 -8.38 -7.56 10.31
C GLY A 92 -7.36 -6.51 9.86
N THR A 93 -6.56 -6.04 10.81
CA THR A 93 -5.61 -4.98 10.53
C THR A 93 -4.44 -5.50 9.70
N THR A 94 -3.85 -6.61 10.10
CA THR A 94 -2.75 -7.21 9.38
C THR A 94 -3.13 -7.54 7.91
N VAL A 95 -4.20 -8.28 7.70
CA VAL A 95 -4.65 -8.63 6.34
C VAL A 95 -5.15 -7.41 5.58
N GLY A 96 -5.91 -6.55 6.25
CA GLY A 96 -6.38 -5.32 5.64
C GLY A 96 -5.22 -4.49 5.09
N GLU A 97 -4.20 -4.30 5.90
CA GLU A 97 -3.00 -3.60 5.44
C GLU A 97 -2.29 -4.29 4.28
N THR A 98 -2.09 -5.60 4.35
CA THR A 98 -1.43 -6.30 3.27
C THR A 98 -2.17 -6.18 1.96
N VAL A 99 -3.50 -6.36 2.00
CA VAL A 99 -4.32 -6.22 0.79
C VAL A 99 -4.30 -4.82 0.24
N ALA A 100 -4.35 -3.80 1.11
CA ALA A 100 -4.17 -2.44 0.64
C ALA A 100 -2.82 -2.28 -0.05
N GLY A 101 -1.79 -2.86 0.55
CA GLY A 101 -0.44 -2.92 -0.02
C GLY A 101 -0.41 -3.58 -1.39
N TYR A 102 -1.10 -4.70 -1.55
CA TYR A 102 -1.13 -5.36 -2.84
C TYR A 102 -1.79 -4.42 -3.87
N MET A 103 -2.91 -3.83 -3.50
CA MET A 103 -3.65 -3.04 -4.49
C MET A 103 -2.84 -1.80 -4.88
N LEU A 104 -2.26 -1.13 -3.91
CA LEU A 104 -1.40 0.03 -4.20
C LEU A 104 -0.17 -0.40 -5.01
N THR A 105 0.35 -1.58 -4.75
CA THR A 105 1.52 -2.09 -5.50
C THR A 105 1.14 -2.15 -7.00
N PHE A 106 -0.03 -2.70 -7.28
CA PHE A 106 -0.48 -2.80 -8.68
C PHE A 106 -0.81 -1.44 -9.28
N ALA A 107 -1.57 -0.60 -8.58
CA ALA A 107 -1.93 0.72 -9.07
C ALA A 107 -0.70 1.60 -9.35
N ARG A 108 0.30 1.55 -8.47
CA ARG A 108 1.41 2.49 -8.58
C ARG A 108 2.65 1.81 -9.24
N ARG A 109 2.49 0.55 -9.61
CA ARG A 109 3.52 -0.27 -10.25
C ARG A 109 4.81 -0.54 -9.47
N LEU A 110 4.70 -0.63 -8.16
CA LEU A 110 5.89 -0.77 -7.32
C LEU A 110 6.65 -2.06 -7.52
N HIS A 111 5.95 -3.13 -7.88
CA HIS A 111 6.55 -4.43 -8.10
C HIS A 111 7.42 -4.40 -9.35
N ALA A 112 6.95 -3.72 -10.36
CA ALA A 112 7.75 -3.59 -11.58
C ALA A 112 8.99 -2.77 -11.28
N TYR A 113 8.87 -1.75 -10.46
CA TYR A 113 10.06 -0.97 -10.08
C TYR A 113 11.06 -1.81 -9.29
N ARG A 114 10.55 -2.66 -8.39
CA ARG A 114 11.41 -3.49 -7.61
C ARG A 114 12.18 -4.46 -8.53
N ASP A 115 11.51 -4.99 -9.52
CA ASP A 115 12.17 -5.87 -10.48
C ASP A 115 13.30 -5.10 -11.17
N ALA A 116 13.02 -3.88 -11.65
CA ALA A 116 14.04 -3.03 -12.27
C ALA A 116 15.18 -2.64 -11.35
N GLN A 117 14.91 -2.50 -10.04
CA GLN A 117 15.94 -2.20 -9.05
C GLN A 117 17.07 -3.27 -9.04
N HIS A 118 16.69 -4.53 -9.18
CA HIS A 118 17.65 -5.63 -9.22
C HIS A 118 18.63 -5.50 -10.40
N ASP A 119 18.17 -4.88 -11.49
CA ASP A 119 18.97 -4.68 -12.70
C ASP A 119 19.58 -3.29 -12.82
N HIS A 120 19.38 -2.43 -11.82
CA HIS A 120 19.88 -1.05 -11.86
C HIS A 120 19.37 -0.27 -13.08
N ALA A 121 18.13 -0.54 -13.46
CA ALA A 121 17.51 -0.03 -14.67
C ALA A 121 16.50 1.03 -14.27
N TRP A 122 16.60 2.17 -14.90
CA TRP A 122 15.68 3.29 -14.78
C TRP A 122 14.60 3.15 -15.81
N ASP A 123 13.60 2.35 -15.48
CA ASP A 123 12.57 1.93 -16.42
C ASP A 123 11.23 2.55 -16.06
N LEU A 124 10.84 3.58 -16.79
CA LEU A 124 9.53 4.14 -16.59
C LEU A 124 8.46 3.11 -16.99
N PRO A 125 7.26 3.19 -16.35
CA PRO A 125 6.12 2.45 -16.84
C PRO A 125 5.66 3.03 -18.18
N ARG A 126 4.92 2.23 -18.95
CA ARG A 126 4.18 2.83 -20.04
C ARG A 126 3.17 3.81 -19.48
N TYR A 127 2.98 4.89 -20.21
CA TYR A 127 2.09 5.97 -19.77
C TYR A 127 0.71 5.50 -19.26
N GLU A 128 0.12 4.50 -19.90
CA GLU A 128 -1.25 4.09 -19.59
C GLU A 128 -1.30 3.22 -18.32
N GLU A 129 -0.14 2.79 -17.80
CA GLU A 129 -0.13 1.76 -16.76
C GLU A 129 -0.47 2.28 -15.34
N PRO A 130 0.18 3.36 -14.89
CA PRO A 130 -0.10 3.72 -13.45
C PRO A 130 -1.48 4.33 -13.29
N PHE A 131 -2.14 3.97 -12.20
CA PHE A 131 -3.44 4.54 -11.89
C PHE A 131 -3.60 4.75 -10.39
N THR A 132 -4.75 5.28 -10.01
CA THR A 132 -5.09 5.52 -8.60
C THR A 132 -6.21 4.60 -8.20
N LEU A 133 -6.10 4.03 -7.02
CA LEU A 133 -7.20 3.30 -6.42
C LEU A 133 -8.39 4.17 -6.23
N ALA A 134 -8.20 5.45 -5.91
CA ALA A 134 -9.35 6.35 -5.75
C ALA A 134 -10.22 6.29 -7.00
N GLY A 135 -11.51 6.02 -6.78
CA GLY A 135 -12.44 5.88 -7.93
C GLY A 135 -12.52 4.51 -8.57
N GLU A 136 -11.67 3.58 -8.17
CA GLU A 136 -11.71 2.22 -8.71
C GLU A 136 -12.55 1.33 -7.84
N ARG A 137 -13.06 0.26 -8.44
CA ARG A 137 -13.98 -0.62 -7.76
C ARG A 137 -13.27 -1.88 -7.26
N VAL A 138 -13.57 -2.25 -6.02
CA VAL A 138 -13.18 -3.53 -5.48
C VAL A 138 -14.40 -4.33 -4.99
N CYS A 139 -14.38 -5.64 -5.24
CA CYS A 139 -15.38 -6.59 -4.71
C CYS A 139 -14.68 -7.43 -3.70
N VAL A 140 -15.13 -7.38 -2.47
CA VAL A 140 -14.61 -8.21 -1.42
C VAL A 140 -15.56 -9.41 -1.16
N VAL A 141 -15.08 -10.62 -1.40
CA VAL A 141 -15.86 -11.86 -1.28
C VAL A 141 -15.55 -12.44 0.10
N GLY A 142 -16.53 -12.33 1.01
CA GLY A 142 -16.27 -12.71 2.42
C GLY A 142 -16.20 -11.42 3.20
N LEU A 143 -17.17 -11.16 4.07
CA LEU A 143 -17.25 -9.86 4.79
C LEU A 143 -17.24 -10.05 6.29
N GLY A 144 -16.26 -10.81 6.76
CA GLY A 144 -16.00 -11.03 8.18
C GLY A 144 -14.84 -10.17 8.62
N THR A 145 -13.96 -10.73 9.44
CA THR A 145 -12.87 -9.95 10.01
C THR A 145 -11.92 -9.53 8.90
N LEU A 146 -11.50 -10.49 8.09
CA LEU A 146 -10.57 -10.16 7.00
C LEU A 146 -11.24 -9.25 6.03
N GLY A 147 -12.45 -9.58 5.60
CA GLY A 147 -13.11 -8.78 4.59
C GLY A 147 -13.37 -7.35 5.00
N ARG A 148 -13.83 -7.15 6.24
CA ARG A 148 -14.02 -5.79 6.74
C ARG A 148 -12.71 -5.01 6.91
N GLY A 149 -11.64 -5.69 7.30
CA GLY A 149 -10.31 -5.07 7.35
C GLY A 149 -9.93 -4.52 5.98
N VAL A 150 -10.22 -5.28 4.93
CA VAL A 150 -10.00 -4.83 3.55
C VAL A 150 -10.93 -3.69 3.14
N VAL A 151 -12.23 -3.87 3.36
CA VAL A 151 -13.24 -2.90 3.05
C VAL A 151 -12.98 -1.52 3.66
N ASP A 152 -12.65 -1.50 4.94
CA ASP A 152 -12.55 -0.22 5.65
C ASP A 152 -11.41 0.62 5.08
N ARG A 153 -10.33 -0.06 4.70
CA ARG A 153 -9.19 0.60 4.14
C ARG A 153 -9.37 0.99 2.69
N ALA A 154 -10.04 0.12 1.92
CA ALA A 154 -10.35 0.43 0.56
C ALA A 154 -11.28 1.63 0.53
N ALA A 155 -12.28 1.63 1.43
CA ALA A 155 -13.23 2.74 1.45
C ALA A 155 -12.51 4.07 1.80
N ALA A 156 -11.62 4.02 2.77
CA ALA A 156 -10.85 5.19 3.15
C ALA A 156 -9.91 5.72 2.08
N LEU A 157 -9.45 4.83 1.21
CA LEU A 157 -8.60 5.21 0.07
C LEU A 157 -9.42 5.74 -1.09
N GLY A 158 -10.75 5.85 -0.93
CA GLY A 158 -11.57 6.41 -1.97
C GLY A 158 -12.07 5.42 -3.00
N MET A 159 -11.99 4.12 -2.71
CA MET A 159 -12.51 3.11 -3.62
C MET A 159 -14.06 3.00 -3.50
N GLU A 160 -14.68 2.58 -4.59
CA GLU A 160 -16.02 1.97 -4.61
C GLU A 160 -15.91 0.52 -4.15
N VAL A 161 -16.70 0.14 -3.15
CA VAL A 161 -16.56 -1.16 -2.50
C VAL A 161 -17.88 -1.87 -2.56
N VAL A 162 -17.89 -3.07 -3.09
CA VAL A 162 -19.06 -3.95 -3.01
C VAL A 162 -18.54 -5.25 -2.43
N GLY A 163 -19.42 -6.14 -2.03
CA GLY A 163 -18.96 -7.41 -1.54
C GLY A 163 -20.01 -8.52 -1.53
N VAL A 164 -19.56 -9.68 -1.08
CA VAL A 164 -20.37 -10.93 -1.07
C VAL A 164 -20.27 -11.57 0.31
N ARG A 165 -21.39 -12.00 0.90
CA ARG A 165 -21.32 -12.77 2.13
C ARG A 165 -22.49 -13.76 2.13
N ARG A 166 -22.51 -14.72 3.05
CA ARG A 166 -23.61 -15.72 3.10
C ARG A 166 -24.95 -15.02 3.37
N SER A 167 -25.01 -14.21 4.42
CA SER A 167 -26.29 -13.70 4.92
C SER A 167 -26.95 -12.64 4.05
N GLY A 168 -26.16 -11.95 3.22
CA GLY A 168 -26.62 -10.79 2.48
C GLY A 168 -26.82 -9.51 3.28
N ASP A 169 -26.55 -9.54 4.59
CA ASP A 169 -26.86 -8.41 5.46
C ASP A 169 -25.87 -7.24 5.31
N PRO A 170 -26.34 -6.01 5.58
CA PRO A 170 -25.45 -4.86 5.40
C PRO A 170 -24.18 -4.92 6.22
N VAL A 171 -23.13 -4.30 5.66
CA VAL A 171 -21.84 -4.18 6.28
C VAL A 171 -21.38 -2.75 6.06
N ASP A 172 -20.84 -2.13 7.11
CA ASP A 172 -20.37 -0.75 7.06
C ASP A 172 -19.32 -0.58 5.94
N ASN A 173 -19.48 0.48 5.15
CA ASN A 173 -18.56 0.85 4.04
C ASN A 173 -18.66 -0.03 2.78
N VAL A 174 -19.62 -0.95 2.73
CA VAL A 174 -19.91 -1.70 1.53
C VAL A 174 -21.19 -1.13 0.94
N SER A 175 -21.13 -0.68 -0.32
CA SER A 175 -22.24 0.00 -0.99
C SER A 175 -23.32 -0.96 -1.45
N THR A 176 -22.93 -2.17 -1.84
CA THR A 176 -23.87 -3.22 -2.24
C THR A 176 -23.33 -4.53 -1.70
N VAL A 177 -24.14 -5.22 -0.89
CA VAL A 177 -23.82 -6.55 -0.40
C VAL A 177 -24.62 -7.57 -1.22
N TYR A 178 -23.93 -8.54 -1.82
CA TYR A 178 -24.53 -9.63 -2.59
C TYR A 178 -24.45 -10.94 -1.81
N THR A 179 -25.40 -11.84 -2.11
CA THR A 179 -25.32 -13.20 -1.61
C THR A 179 -24.49 -14.04 -2.61
N PRO A 180 -23.98 -15.21 -2.19
CA PRO A 180 -23.06 -15.97 -3.02
C PRO A 180 -23.61 -16.44 -4.36
N ASP A 181 -24.94 -16.50 -4.48
CA ASP A 181 -25.61 -16.83 -5.73
C ASP A 181 -25.56 -15.69 -6.76
N ARG A 182 -25.08 -14.50 -6.35
CA ARG A 182 -24.89 -13.38 -7.27
C ARG A 182 -23.41 -13.00 -7.40
N LEU A 183 -22.52 -13.96 -7.17
CA LEU A 183 -21.07 -13.74 -7.32
C LEU A 183 -20.72 -13.11 -8.68
N HIS A 184 -21.28 -13.62 -9.76
CA HIS A 184 -20.90 -13.09 -11.08
C HIS A 184 -21.28 -11.63 -11.29
N GLU A 185 -22.43 -11.25 -10.76
CA GLU A 185 -22.86 -9.87 -10.75
C GLU A 185 -21.90 -9.00 -9.90
N ALA A 186 -21.45 -9.53 -8.76
CA ALA A 186 -20.61 -8.76 -7.83
C ALA A 186 -19.24 -8.45 -8.39
N ILE A 187 -18.67 -9.40 -9.13
CA ILE A 187 -17.29 -9.30 -9.59
C ILE A 187 -17.11 -8.73 -10.97
N ALA A 188 -18.17 -8.64 -11.78
CA ALA A 188 -18.02 -8.29 -13.20
C ALA A 188 -17.38 -6.93 -13.51
N ASP A 189 -17.66 -5.92 -12.69
CA ASP A 189 -17.20 -4.55 -12.96
C ASP A 189 -16.06 -4.13 -12.04
N ALA A 190 -15.47 -5.08 -11.31
CA ALA A 190 -14.43 -4.77 -10.31
C ALA A 190 -13.02 -4.79 -10.88
N ARG A 191 -12.24 -3.78 -10.50
CA ARG A 191 -10.81 -3.76 -10.84
C ARG A 191 -10.03 -4.75 -9.96
N PHE A 192 -10.51 -4.97 -8.74
CA PHE A 192 -9.91 -5.95 -7.84
C PHE A 192 -10.98 -6.86 -7.27
N VAL A 193 -10.71 -8.16 -7.24
CA VAL A 193 -11.60 -9.10 -6.56
C VAL A 193 -10.80 -9.75 -5.45
N VAL A 194 -11.27 -9.59 -4.21
CA VAL A 194 -10.55 -10.04 -3.04
C VAL A 194 -11.28 -11.18 -2.39
N LEU A 195 -10.59 -12.30 -2.18
CA LEU A 195 -11.16 -13.49 -1.52
C LEU A 195 -10.80 -13.57 -0.06
N ALA A 196 -11.85 -13.58 0.78
CA ALA A 196 -11.69 -13.61 2.24
C ALA A 196 -12.73 -14.50 2.91
N THR A 197 -13.04 -15.62 2.26
CA THR A 197 -13.99 -16.61 2.80
C THR A 197 -13.25 -17.75 3.43
N PRO A 198 -13.89 -18.45 4.39
CA PRO A 198 -13.32 -19.71 4.73
C PRO A 198 -13.37 -20.72 3.58
N LEU A 199 -12.58 -21.77 3.73
CA LEU A 199 -12.70 -22.92 2.86
C LEU A 199 -13.80 -23.83 3.42
N THR A 200 -14.90 -23.94 2.67
CA THR A 200 -16.08 -24.77 3.04
C THR A 200 -16.41 -25.65 1.86
N ASP A 201 -17.38 -26.54 2.08
CA ASP A 201 -17.91 -27.33 0.97
C ASP A 201 -18.43 -26.42 -0.11
N GLU A 202 -19.10 -25.33 0.27
CA GLU A 202 -19.66 -24.37 -0.68
C GLU A 202 -18.55 -23.58 -1.41
N THR A 203 -17.53 -23.15 -0.69
CA THR A 203 -16.51 -22.25 -1.30
C THR A 203 -15.37 -22.93 -2.06
N GLU A 204 -15.12 -24.23 -1.87
CA GLU A 204 -14.05 -24.88 -2.59
C GLU A 204 -14.29 -24.78 -4.09
N GLY A 205 -13.27 -24.33 -4.82
CA GLY A 205 -13.41 -24.17 -6.27
C GLY A 205 -14.34 -23.08 -6.73
N MET A 206 -14.68 -22.13 -5.88
CA MET A 206 -15.61 -21.05 -6.19
C MET A 206 -15.14 -20.22 -7.40
N VAL A 207 -13.83 -19.96 -7.44
CA VAL A 207 -13.26 -19.07 -8.44
C VAL A 207 -12.49 -19.92 -9.42
N ALA A 208 -13.07 -20.07 -10.60
CA ALA A 208 -12.55 -20.98 -11.63
C ALA A 208 -12.71 -20.32 -12.99
N ALA A 209 -12.48 -21.06 -14.06
CA ALA A 209 -12.53 -20.51 -15.40
C ALA A 209 -13.71 -19.60 -15.70
N PRO A 210 -14.96 -20.04 -15.34
CA PRO A 210 -16.10 -19.15 -15.62
C PRO A 210 -16.03 -17.79 -14.94
N GLU A 211 -15.48 -17.74 -13.73
CA GLU A 211 -15.37 -16.47 -13.01
C GLU A 211 -14.29 -15.60 -13.64
N PHE A 212 -13.20 -16.22 -14.06
CA PHE A 212 -12.11 -15.50 -14.75
C PHE A 212 -12.62 -14.94 -16.08
N GLU A 213 -13.51 -15.67 -16.74
CA GLU A 213 -14.18 -15.12 -17.91
C GLU A 213 -15.00 -13.86 -17.57
N THR A 214 -15.83 -13.92 -16.53
CA THR A 214 -16.67 -12.81 -16.11
C THR A 214 -15.88 -11.57 -15.68
N MET A 215 -14.76 -11.79 -14.98
CA MET A 215 -13.92 -10.69 -14.48
C MET A 215 -13.36 -9.86 -15.62
N ARG A 216 -13.15 -8.58 -15.34
CA ARG A 216 -12.49 -7.69 -16.27
C ARG A 216 -11.11 -8.17 -16.66
N GLU A 217 -10.73 -7.95 -17.92
CA GLU A 217 -9.39 -8.33 -18.41
C GLU A 217 -8.26 -7.50 -17.77
N ASP A 218 -8.61 -6.32 -17.27
CA ASP A 218 -7.69 -5.47 -16.53
C ASP A 218 -7.71 -5.66 -15.01
N ALA A 219 -8.50 -6.64 -14.54
CA ALA A 219 -8.70 -6.84 -13.11
C ALA A 219 -7.67 -7.78 -12.50
N SER A 220 -7.48 -7.68 -11.16
CA SER A 220 -6.62 -8.57 -10.46
C SER A 220 -7.36 -9.29 -9.34
N LEU A 221 -6.98 -10.56 -9.15
CA LEU A 221 -7.51 -11.41 -8.11
C LEU A 221 -6.57 -11.33 -6.91
N VAL A 222 -7.12 -11.14 -5.73
CA VAL A 222 -6.36 -11.23 -4.50
C VAL A 222 -6.88 -12.40 -3.69
N ASN A 223 -6.01 -13.33 -3.33
CA ASN A 223 -6.41 -14.46 -2.52
C ASN A 223 -5.65 -14.45 -1.21
N VAL A 224 -6.36 -14.13 -0.14
CA VAL A 224 -5.87 -14.20 1.22
C VAL A 224 -6.69 -15.17 2.05
N ALA A 225 -7.44 -16.05 1.40
CA ALA A 225 -8.38 -16.94 2.08
C ALA A 225 -7.72 -18.29 2.27
N ARG A 226 -7.98 -19.22 1.36
CA ARG A 226 -7.32 -20.52 1.28
C ARG A 226 -7.11 -20.80 -0.22
N GLY A 227 -6.01 -21.48 -0.55
CA GLY A 227 -5.70 -21.81 -1.95
C GLY A 227 -6.86 -22.47 -2.70
N PRO A 228 -7.46 -23.53 -2.12
CA PRO A 228 -8.49 -24.25 -2.86
C PRO A 228 -9.82 -23.54 -3.06
N VAL A 229 -10.01 -22.31 -2.55
CA VAL A 229 -11.13 -21.50 -2.99
C VAL A 229 -11.03 -21.18 -4.50
N VAL A 230 -9.80 -21.19 -5.02
CA VAL A 230 -9.52 -20.99 -6.42
C VAL A 230 -9.11 -22.33 -7.05
N VAL A 231 -9.53 -22.55 -8.30
CA VAL A 231 -8.98 -23.68 -9.10
C VAL A 231 -7.68 -23.20 -9.73
N GLU A 232 -6.57 -23.65 -9.11
CA GLU A 232 -5.27 -23.07 -9.35
C GLU A 232 -4.87 -23.22 -10.82
N SER A 233 -5.16 -24.39 -11.41
CA SER A 233 -4.82 -24.60 -12.82
C SER A 233 -5.62 -23.69 -13.72
N ASP A 234 -6.86 -23.37 -13.34
CA ASP A 234 -7.67 -22.40 -14.08
C ASP A 234 -7.13 -20.97 -13.95
N LEU A 235 -6.60 -20.61 -12.78
CA LEU A 235 -5.91 -19.33 -12.59
C LEU A 235 -4.69 -19.20 -13.53
N VAL A 236 -3.85 -20.24 -13.56
CA VAL A 236 -2.65 -20.23 -14.41
C VAL A 236 -3.10 -20.01 -15.85
N ALA A 237 -4.07 -20.79 -16.29
CA ALA A 237 -4.63 -20.65 -17.63
C ALA A 237 -5.20 -19.28 -17.94
N ALA A 238 -5.92 -18.68 -16.98
CA ALA A 238 -6.45 -17.35 -17.12
C ALA A 238 -5.36 -16.26 -17.19
N LEU A 239 -4.30 -16.40 -16.39
CA LEU A 239 -3.18 -15.46 -16.44
C LEU A 239 -2.44 -15.59 -17.79
N ASP A 240 -2.25 -16.82 -18.26
CA ASP A 240 -1.64 -17.06 -19.60
C ASP A 240 -2.48 -16.40 -20.71
N SER A 241 -3.81 -16.51 -20.63
CA SER A 241 -4.70 -16.06 -21.70
C SER A 241 -5.05 -14.59 -21.66
N GLY A 242 -4.74 -13.92 -20.56
CA GLY A 242 -5.18 -12.55 -20.35
C GLY A 242 -6.65 -12.35 -20.01
N ASP A 243 -7.33 -13.40 -19.52
CA ASP A 243 -8.72 -13.29 -19.05
C ASP A 243 -8.78 -12.38 -17.83
N ILE A 244 -7.73 -12.44 -17.02
CA ILE A 244 -7.42 -11.38 -16.06
C ILE A 244 -5.99 -10.87 -16.18
N ALA A 245 -5.73 -9.72 -15.52
CA ALA A 245 -4.43 -9.03 -15.57
C ALA A 245 -3.37 -9.59 -14.64
N GLY A 246 -3.77 -10.03 -13.46
CA GLY A 246 -2.80 -10.48 -12.50
C GLY A 246 -3.47 -10.88 -11.21
N ALA A 247 -2.64 -11.13 -10.22
CA ALA A 247 -3.08 -11.67 -8.97
C ALA A 247 -2.08 -11.42 -7.85
N ALA A 248 -2.58 -11.17 -6.63
CA ALA A 248 -1.78 -11.21 -5.41
C ALA A 248 -2.24 -12.39 -4.62
N LEU A 249 -1.33 -13.33 -4.40
CA LEU A 249 -1.66 -14.62 -3.79
C LEU A 249 -0.82 -14.87 -2.56
N ASP A 250 -1.51 -15.04 -1.42
CA ASP A 250 -0.85 -15.37 -0.13
C ASP A 250 -1.05 -16.83 0.23
N VAL A 251 -1.93 -17.53 -0.49
CA VAL A 251 -2.35 -18.89 -0.14
C VAL A 251 -2.47 -19.69 -1.42
N PHE A 252 -2.21 -21.02 -1.31
CA PHE A 252 -2.07 -21.91 -2.48
C PHE A 252 -2.61 -23.31 -2.19
N SER A 253 -2.92 -24.03 -3.25
CA SER A 253 -3.44 -25.40 -3.08
C SER A 253 -2.39 -26.33 -2.41
N GLU A 254 -1.11 -26.04 -2.61
CA GLU A 254 -0.03 -26.70 -1.92
C GLU A 254 0.94 -25.66 -1.36
N GLU A 255 1.14 -25.68 -0.04
CA GLU A 255 2.10 -24.82 0.66
C GLU A 255 3.19 -25.63 1.40
N PRO A 256 4.47 -25.28 1.29
CA PRO A 256 4.99 -24.18 0.44
C PRO A 256 4.71 -24.41 -1.02
N LEU A 257 4.60 -23.31 -1.76
CA LEU A 257 4.37 -23.35 -3.18
C LEU A 257 5.57 -24.00 -3.86
N PRO A 258 5.34 -25.11 -4.59
CA PRO A 258 6.42 -25.73 -5.36
C PRO A 258 7.21 -24.79 -6.27
N GLU A 259 8.54 -24.92 -6.22
CA GLU A 259 9.43 -24.15 -7.10
C GLU A 259 9.04 -24.24 -8.56
N ASP A 260 8.55 -25.41 -9.00
CA ASP A 260 8.14 -25.57 -10.39
C ASP A 260 6.81 -24.93 -10.77
N SER A 261 6.04 -24.43 -9.78
CA SER A 261 4.79 -23.78 -10.11
C SER A 261 5.02 -22.59 -11.03
N PRO A 262 4.16 -22.46 -12.05
CA PRO A 262 4.24 -21.33 -12.95
C PRO A 262 3.81 -19.99 -12.35
N LEU A 263 3.13 -19.99 -11.21
CA LEU A 263 2.69 -18.73 -10.59
C LEU A 263 3.85 -17.80 -10.20
N TRP A 264 5.00 -18.37 -9.84
CA TRP A 264 6.22 -17.62 -9.53
C TRP A 264 6.64 -16.66 -10.64
N ASP A 265 6.40 -17.02 -11.90
CA ASP A 265 7.01 -16.32 -13.04
C ASP A 265 6.22 -15.19 -13.67
N PHE A 266 4.93 -15.05 -13.33
CA PHE A 266 4.14 -14.01 -13.90
C PHE A 266 4.56 -12.68 -13.29
N GLU A 267 4.89 -11.71 -14.15
CA GLU A 267 5.32 -10.40 -13.68
C GLU A 267 4.26 -9.77 -12.78
N ASP A 268 3.02 -9.85 -13.23
CA ASP A 268 1.93 -9.27 -12.49
C ASP A 268 1.25 -10.24 -11.52
N VAL A 269 1.93 -11.26 -11.08
CA VAL A 269 1.55 -11.99 -9.87
C VAL A 269 2.49 -11.61 -8.70
N LEU A 270 1.92 -11.32 -7.52
CA LEU A 270 2.69 -11.18 -6.29
C LEU A 270 2.48 -12.47 -5.51
N ILE A 271 3.57 -13.15 -5.18
CA ILE A 271 3.56 -14.29 -4.30
C ILE A 271 4.02 -13.89 -2.92
N THR A 272 3.22 -14.15 -1.91
CA THR A 272 3.64 -13.97 -0.52
C THR A 272 3.40 -15.29 0.22
N PRO A 273 4.32 -15.66 1.12
CA PRO A 273 4.31 -17.02 1.72
C PRO A 273 3.40 -17.26 2.93
N HIS A 274 2.10 -17.01 2.75
CA HIS A 274 1.07 -17.17 3.83
C HIS A 274 1.45 -16.36 5.08
N VAL A 275 1.69 -15.09 4.79
CA VAL A 275 2.17 -14.10 5.73
C VAL A 275 1.36 -12.81 5.69
N SER A 276 0.17 -12.81 5.07
CA SER A 276 -0.57 -11.55 4.99
C SER A 276 -1.08 -11.13 6.35
N ALA A 277 -1.19 -12.09 7.28
CA ALA A 277 -1.61 -11.82 8.68
C ALA A 277 -0.43 -11.78 9.69
N ALA A 278 0.80 -11.82 9.20
CA ALA A 278 1.97 -11.86 10.07
C ALA A 278 2.06 -10.60 10.92
N THR A 279 2.41 -10.77 12.20
CA THR A 279 2.60 -9.65 13.10
C THR A 279 3.44 -10.12 14.27
N SER A 280 4.31 -9.24 14.76
CA SER A 280 5.12 -9.54 15.93
C SER A 280 4.35 -9.54 17.26
N LYS A 281 3.05 -9.18 17.26
CA LYS A 281 2.20 -9.26 18.46
C LYS A 281 1.18 -10.37 18.41
N TYR A 282 1.38 -11.34 17.50
CA TYR A 282 0.40 -12.43 17.34
C TYR A 282 0.12 -13.17 18.67
N HIS A 283 1.19 -13.41 19.44
CA HIS A 283 1.10 -14.05 20.78
C HIS A 283 0.14 -13.34 21.73
N GLU A 284 0.17 -12.01 21.72
CA GLU A 284 -0.76 -11.20 22.52
C GLU A 284 -2.17 -11.24 22.00
N ASP A 285 -2.30 -11.22 20.67
CA ASP A 285 -3.59 -11.27 20.03
C ASP A 285 -4.33 -12.59 20.33
N VAL A 286 -3.60 -13.70 20.23
CA VAL A 286 -4.17 -15.02 20.44
C VAL A 286 -4.44 -15.27 21.94
N ALA A 287 -3.55 -14.80 22.80
CA ALA A 287 -3.69 -14.99 24.26
C ALA A 287 -4.98 -14.38 24.81
N ALA A 288 -5.34 -13.18 24.33
CA ALA A 288 -6.53 -12.45 24.75
C ALA A 288 -7.85 -13.16 24.44
N LEU A 289 -7.93 -13.85 23.30
CA LEU A 289 -9.07 -14.75 23.04
C LEU A 289 -9.15 -15.90 24.03
N ILE A 290 -7.98 -16.50 24.29
CA ILE A 290 -7.91 -17.63 25.21
C ILE A 290 -8.33 -17.18 26.61
N ARG A 291 -7.82 -16.03 27.07
CA ARG A 291 -8.22 -15.43 28.35
C ARG A 291 -9.71 -15.25 28.41
N GLU A 292 -10.26 -14.56 27.40
CA GLU A 292 -11.72 -14.37 27.28
C GLU A 292 -12.50 -15.66 27.53
N ASN A 293 -12.13 -16.73 26.82
CA ASN A 293 -12.88 -17.99 26.86
C ASN A 293 -12.73 -18.70 28.20
N ILE A 294 -11.52 -18.69 28.76
CA ILE A 294 -11.29 -19.11 30.15
C ILE A 294 -12.27 -18.44 31.15
N GLU A 295 -12.50 -17.13 31.03
CA GLU A 295 -13.43 -16.45 31.94
C GLU A 295 -14.88 -16.86 31.72
N LYS A 296 -15.24 -17.09 30.45
CA LYS A 296 -16.59 -17.55 30.09
C LYS A 296 -16.88 -18.99 30.52
N ILE A 297 -15.86 -19.84 30.51
CA ILE A 297 -15.97 -21.17 31.11
C ILE A 297 -16.22 -21.06 32.61
N ALA A 298 -15.46 -20.21 33.31
CA ALA A 298 -15.66 -19.97 34.75
C ALA A 298 -17.08 -19.49 35.05
N THR A 299 -17.51 -18.43 34.37
CA THR A 299 -18.88 -17.89 34.53
C THR A 299 -19.96 -18.76 33.88
N GLY A 300 -19.57 -19.76 33.08
CA GLY A 300 -20.50 -20.70 32.46
C GLY A 300 -21.28 -20.10 31.30
N ASP A 301 -20.72 -19.07 30.66
CA ASP A 301 -21.33 -18.41 29.50
C ASP A 301 -20.87 -19.08 28.19
N GLU A 302 -21.51 -18.70 27.10
CA GLU A 302 -21.22 -19.26 25.77
C GLU A 302 -19.84 -18.82 25.29
N LEU A 303 -19.01 -19.75 24.82
CA LEU A 303 -17.67 -19.45 24.31
C LEU A 303 -17.65 -18.56 23.06
N THR A 304 -16.55 -17.84 22.90
CA THR A 304 -16.30 -17.00 21.73
C THR A 304 -15.65 -17.84 20.63
N ASN A 305 -16.18 -17.69 19.40
CA ASN A 305 -15.67 -18.40 18.24
C ASN A 305 -15.82 -19.92 18.39
N ARG A 306 -16.97 -20.37 18.92
CA ARG A 306 -17.21 -21.80 19.06
C ARG A 306 -17.58 -22.41 17.71
N VAL A 307 -16.84 -23.47 17.34
CA VAL A 307 -17.10 -24.21 16.11
C VAL A 307 -18.04 -25.38 16.43
N VAL A 308 -17.59 -26.28 17.31
CA VAL A 308 -18.47 -27.32 17.90
C VAL A 308 -18.15 -27.55 19.37
N MET B 1 -3.51 41.16 -20.51
CA MET B 1 -3.32 39.89 -21.27
C MET B 1 -4.57 39.49 -22.05
N HIS B 2 -4.38 39.27 -23.35
CA HIS B 2 -5.38 38.68 -24.21
C HIS B 2 -4.69 37.53 -24.94
N ILE B 3 -5.05 36.29 -24.61
CA ILE B 3 -4.36 35.13 -25.16
C ILE B 3 -5.03 34.73 -26.45
N GLU B 4 -4.19 34.55 -27.49
CA GLU B 4 -4.59 34.21 -28.85
C GLU B 4 -4.18 32.80 -29.26
N ARG B 5 -3.31 32.15 -28.47
CA ARG B 5 -2.71 30.90 -28.88
C ARG B 5 -2.17 30.24 -27.63
N LEU B 6 -2.26 28.92 -27.55
CA LEU B 6 -1.51 28.15 -26.55
C LEU B 6 -0.53 27.27 -27.31
N ALA B 7 0.75 27.46 -27.06
CA ALA B 7 1.77 26.65 -27.67
C ALA B 7 2.16 25.58 -26.67
N VAL B 8 2.36 24.33 -27.11
CA VAL B 8 2.74 23.24 -26.20
C VAL B 8 4.18 22.83 -26.51
N ASP B 9 5.10 23.09 -25.58
CA ASP B 9 6.52 22.78 -25.79
C ASP B 9 6.74 21.28 -25.85
N GLU B 10 7.71 20.86 -26.66
CA GLU B 10 7.99 19.44 -26.85
C GLU B 10 8.50 18.74 -25.60
N SER B 11 9.07 19.50 -24.65
CA SER B 11 9.48 18.96 -23.36
C SER B 11 8.36 18.37 -22.51
N VAL B 12 7.08 18.69 -22.79
CA VAL B 12 5.98 18.00 -22.09
C VAL B 12 6.02 16.48 -22.34
N GLY B 13 6.61 16.10 -23.48
CA GLY B 13 6.97 14.71 -23.78
C GLY B 13 7.67 13.92 -22.69
N ARG B 14 8.42 14.62 -21.85
CA ARG B 14 9.08 14.00 -20.68
C ARG B 14 8.09 13.46 -19.63
N ALA B 15 6.89 14.05 -19.57
CA ALA B 15 5.85 13.69 -18.58
C ALA B 15 4.61 12.99 -19.16
N MET B 16 4.37 13.15 -20.45
CA MET B 16 3.11 12.66 -21.06
C MET B 16 3.14 12.77 -22.57
N PRO B 17 2.29 12.00 -23.27
CA PRO B 17 2.22 12.16 -24.73
C PRO B 17 1.66 13.53 -25.18
N PRO B 18 2.46 14.34 -25.91
CA PRO B 18 1.98 15.69 -26.29
C PRO B 18 0.62 15.73 -27.04
N GLN B 19 0.41 14.74 -27.90
CA GLN B 19 -0.78 14.68 -28.75
C GLN B 19 -2.04 14.55 -27.89
N ARG B 20 -1.99 13.61 -26.93
CA ARG B 20 -3.06 13.44 -25.93
C ARG B 20 -3.38 14.75 -25.21
N PHE B 21 -2.31 15.46 -24.83
CA PHE B 21 -2.45 16.75 -24.12
C PHE B 21 -3.12 17.81 -25.04
N ILE B 22 -2.67 17.89 -26.28
CA ILE B 22 -3.24 18.84 -27.26
C ILE B 22 -4.71 18.54 -27.47
N GLU B 23 -5.05 17.25 -27.62
CA GLU B 23 -6.44 16.83 -27.79
C GLU B 23 -7.28 17.14 -26.55
N ALA B 24 -6.69 17.01 -25.36
CA ALA B 24 -7.35 17.40 -24.12
C ALA B 24 -7.67 18.91 -24.02
N LEU B 25 -6.97 19.73 -24.80
CA LEU B 25 -7.19 21.19 -24.82
C LEU B 25 -7.99 21.72 -26.06
N SER B 26 -8.69 20.86 -26.79
CA SER B 26 -9.17 21.21 -28.14
C SER B 26 -10.28 22.28 -28.28
N ASP B 27 -11.10 22.50 -27.24
CA ASP B 27 -12.22 23.46 -27.31
C ASP B 27 -12.00 24.70 -26.41
N LEU B 28 -10.76 25.13 -26.34
CA LEU B 28 -10.33 26.20 -25.42
C LEU B 28 -10.74 27.60 -25.88
N GLY B 29 -11.09 27.75 -27.15
CA GLY B 29 -11.39 29.08 -27.72
C GLY B 29 -10.22 29.74 -28.42
N VAL B 30 -9.02 29.21 -28.26
CA VAL B 30 -7.86 29.60 -29.03
C VAL B 30 -7.17 28.38 -29.58
N PRO B 31 -6.40 28.51 -30.67
CA PRO B 31 -5.69 27.37 -31.21
C PRO B 31 -4.64 26.87 -30.23
N VAL B 32 -4.45 25.55 -30.24
CA VAL B 32 -3.43 24.88 -29.43
C VAL B 32 -2.48 24.20 -30.38
N GLU B 33 -1.21 24.58 -30.31
CA GLU B 33 -0.22 24.21 -31.33
C GLU B 33 1.04 23.67 -30.70
N PHE B 34 1.64 22.69 -31.35
CA PHE B 34 2.90 22.10 -30.90
C PHE B 34 4.04 23.02 -31.21
N ALA B 35 4.94 23.20 -30.26
CA ALA B 35 6.11 24.04 -30.48
C ALA B 35 7.38 23.28 -30.15
N GLY B 36 8.36 23.41 -31.04
CA GLY B 36 9.69 22.80 -30.89
C GLY B 36 10.73 23.72 -30.28
N GLU B 37 11.93 23.15 -30.05
CA GLU B 37 13.08 23.85 -29.44
C GLU B 37 13.32 25.25 -29.99
N ASP B 38 13.19 25.37 -31.31
CA ASP B 38 13.60 26.55 -32.04
C ASP B 38 12.37 27.25 -32.61
N GLU B 39 11.71 28.01 -31.74
CA GLU B 39 10.52 28.81 -32.11
C GLU B 39 10.43 30.10 -31.30
N GLN B 40 9.61 31.03 -31.78
CA GLN B 40 9.54 32.39 -31.26
C GLN B 40 8.14 32.78 -30.85
N PHE B 41 8.08 33.53 -29.75
CA PHE B 41 6.85 33.89 -29.09
C PHE B 41 6.72 35.40 -29.03
N GLY B 42 5.54 35.85 -28.66
CA GLY B 42 5.23 37.25 -28.74
C GLY B 42 3.89 37.51 -28.11
N PRO B 43 3.44 38.76 -28.15
CA PRO B 43 2.17 39.11 -27.53
C PRO B 43 1.04 38.15 -27.91
N GLY B 44 0.19 37.86 -26.93
CA GLY B 44 -0.87 36.88 -27.05
C GLY B 44 -0.52 35.41 -26.90
N ASP B 45 0.78 35.06 -26.81
CA ASP B 45 1.18 33.66 -26.65
C ASP B 45 1.12 33.21 -25.19
N ALA B 46 0.49 32.07 -24.98
CA ALA B 46 0.64 31.29 -23.73
C ALA B 46 1.43 30.05 -24.11
N VAL B 47 2.22 29.54 -23.18
CA VAL B 47 3.08 28.38 -23.43
C VAL B 47 2.91 27.38 -22.28
N ALA B 48 2.67 26.11 -22.63
CA ALA B 48 2.75 25.00 -21.64
C ALA B 48 4.07 24.27 -21.84
N SER B 49 4.84 24.09 -20.76
CA SER B 49 6.16 23.44 -20.84
C SER B 49 6.62 22.68 -19.56
N PHE B 50 7.50 21.70 -19.76
CA PHE B 50 8.16 20.95 -18.66
C PHE B 50 9.33 21.74 -18.10
N GLY B 51 10.26 22.10 -18.99
CA GLY B 51 11.43 22.91 -18.66
C GLY B 51 11.37 24.34 -19.18
N HIS B 52 12.33 25.16 -18.76
CA HIS B 52 12.44 26.55 -19.17
C HIS B 52 13.23 26.73 -20.51
N ARG B 53 12.79 27.66 -21.35
CA ARG B 53 13.58 28.17 -22.50
C ARG B 53 13.54 29.69 -22.49
N ASP B 54 14.68 30.34 -22.73
CA ASP B 54 14.74 31.82 -22.80
C ASP B 54 13.76 32.44 -23.80
N ALA B 55 13.50 31.76 -24.91
CA ALA B 55 12.47 32.17 -25.89
C ALA B 55 11.09 32.39 -25.28
N PHE B 56 10.75 31.68 -24.20
CA PHE B 56 9.44 31.85 -23.56
C PHE B 56 9.25 33.24 -22.97
N LEU B 57 10.34 33.95 -22.71
CA LEU B 57 10.28 35.27 -22.12
C LEU B 57 9.57 36.31 -23.01
N ASP B 58 9.48 36.04 -24.32
CA ASP B 58 8.65 36.85 -25.21
C ASP B 58 7.17 36.57 -25.10
N ALA B 59 6.77 35.42 -24.55
CA ALA B 59 5.33 35.11 -24.39
C ALA B 59 4.70 35.90 -23.26
N ASP B 60 3.37 35.95 -23.22
CA ASP B 60 2.66 36.57 -22.11
C ASP B 60 2.68 35.71 -20.85
N TRP B 61 2.69 34.38 -21.02
CA TRP B 61 2.44 33.47 -19.91
C TRP B 61 3.02 32.08 -20.20
N VAL B 62 3.76 31.56 -19.23
CA VAL B 62 4.27 30.20 -19.32
C VAL B 62 3.63 29.40 -18.19
N HIS B 63 3.04 28.25 -18.53
CA HIS B 63 2.57 27.29 -17.54
C HIS B 63 3.52 26.10 -17.46
N CYS B 64 4.20 25.98 -16.33
CA CYS B 64 5.04 24.83 -16.01
C CYS B 64 4.13 23.64 -15.61
N ILE B 65 4.28 22.53 -16.30
CA ILE B 65 3.44 21.35 -16.14
C ILE B 65 3.88 20.50 -14.95
N ARG B 66 4.86 20.98 -14.18
CA ARG B 66 5.32 20.34 -12.96
C ARG B 66 4.88 21.15 -11.76
N ALA B 67 4.80 20.54 -10.58
CA ALA B 67 4.66 21.33 -9.35
C ALA B 67 5.95 22.06 -8.95
N GLY B 68 7.10 21.40 -9.15
CA GLY B 68 8.39 21.99 -8.80
C GLY B 68 8.90 22.84 -9.93
N TYR B 69 9.20 24.10 -9.62
CA TYR B 69 9.66 25.10 -10.61
C TYR B 69 11.08 25.54 -10.30
N ASP B 70 11.80 24.71 -9.53
CA ASP B 70 13.17 25.04 -9.13
C ASP B 70 14.16 25.18 -10.29
N GLU B 71 13.85 24.61 -11.46
CA GLU B 71 14.71 24.77 -12.65
C GLU B 71 14.30 25.98 -13.53
N PHE B 72 13.35 26.80 -13.06
CA PHE B 72 12.94 28.03 -13.77
C PHE B 72 13.60 29.25 -13.10
N PRO B 73 14.20 30.15 -13.90
CA PRO B 73 14.79 31.39 -13.35
C PRO B 73 13.69 32.41 -13.04
N VAL B 74 13.11 32.26 -11.86
CA VAL B 74 11.92 33.01 -11.43
C VAL B 74 12.14 34.53 -11.47
N GLY B 75 13.35 34.97 -11.15
CA GLY B 75 13.73 36.39 -11.20
C GLY B 75 13.78 36.97 -12.60
N VAL B 76 14.14 36.16 -13.58
CA VAL B 76 14.18 36.63 -14.97
C VAL B 76 12.77 36.84 -15.54
N TYR B 77 11.84 35.93 -15.24
CA TYR B 77 10.43 36.12 -15.61
C TYR B 77 9.85 37.43 -15.07
N GLU B 78 10.14 37.73 -13.80
CA GLU B 78 9.64 38.94 -13.15
C GLU B 78 10.13 40.18 -13.90
N GLU B 79 11.44 40.20 -14.14
CA GLU B 79 12.08 41.27 -14.89
C GLU B 79 11.59 41.37 -16.34
N ALA B 80 11.34 40.22 -16.99
CA ALA B 80 10.76 40.19 -18.34
C ALA B 80 9.25 40.54 -18.42
N GLY B 81 8.56 40.56 -17.28
CA GLY B 81 7.11 40.80 -17.23
C GLY B 81 6.29 39.65 -17.76
N THR B 82 6.83 38.44 -17.69
CA THR B 82 6.18 37.22 -18.20
C THR B 82 5.59 36.42 -17.04
N TYR B 83 4.31 36.11 -17.13
CA TYR B 83 3.63 35.37 -16.06
C TYR B 83 4.11 33.91 -16.04
N LEU B 84 4.27 33.36 -14.82
CA LEU B 84 4.70 31.95 -14.67
C LEU B 84 3.80 31.31 -13.64
N THR B 85 3.21 30.18 -14.05
CA THR B 85 2.37 29.40 -13.18
C THR B 85 2.92 28.00 -13.09
N ASN B 86 2.57 27.29 -12.01
CA ASN B 86 2.98 25.89 -11.87
C ASN B 86 1.76 24.98 -11.73
N SER B 87 2.00 23.70 -11.65
CA SER B 87 0.94 22.69 -11.56
C SER B 87 0.76 22.05 -10.16
N THR B 88 1.11 22.77 -9.10
CA THR B 88 0.76 22.34 -7.74
C THR B 88 -0.74 22.18 -7.63
N GLY B 89 -1.15 21.18 -6.84
CA GLY B 89 -2.54 20.94 -6.55
C GLY B 89 -3.12 19.72 -7.21
N ILE B 90 -2.38 19.08 -8.11
CA ILE B 90 -2.89 17.92 -8.87
C ILE B 90 -2.28 16.57 -8.51
N HIS B 91 -1.31 16.58 -7.58
CA HIS B 91 -0.48 15.34 -7.33
C HIS B 91 -0.78 14.69 -6.00
N GLY B 92 -1.81 15.15 -5.30
CA GLY B 92 -2.09 14.69 -3.95
C GLY B 92 -2.48 13.21 -3.87
N THR B 93 -3.36 12.77 -4.76
CA THR B 93 -3.81 11.39 -4.77
C THR B 93 -2.70 10.41 -5.24
N THR B 94 -2.05 10.71 -6.36
CA THR B 94 -1.02 9.84 -6.92
C THR B 94 0.12 9.69 -5.92
N VAL B 95 0.69 10.81 -5.46
CA VAL B 95 1.80 10.72 -4.49
C VAL B 95 1.33 10.19 -3.16
N GLY B 96 0.16 10.60 -2.68
CA GLY B 96 -0.26 10.03 -1.40
C GLY B 96 -0.40 8.50 -1.47
N GLU B 97 -0.96 8.00 -2.55
CA GLU B 97 -1.10 6.56 -2.77
C GLU B 97 0.28 5.88 -2.87
N THR B 98 1.21 6.45 -3.64
CA THR B 98 2.53 5.87 -3.75
C THR B 98 3.19 5.73 -2.38
N VAL B 99 3.14 6.82 -1.61
CA VAL B 99 3.75 6.82 -0.28
C VAL B 99 3.08 5.85 0.67
N ALA B 100 1.75 5.77 0.68
CA ALA B 100 1.06 4.71 1.43
C ALA B 100 1.59 3.33 0.99
N GLY B 101 1.77 3.17 -0.31
CA GLY B 101 2.33 1.96 -0.89
C GLY B 101 3.71 1.67 -0.38
N TYR B 102 4.58 2.67 -0.33
CA TYR B 102 5.93 2.46 0.25
C TYR B 102 5.85 2.03 1.68
N MET B 103 5.06 2.72 2.48
CA MET B 103 5.00 2.39 3.92
C MET B 103 4.42 1.01 4.18
N LEU B 104 3.34 0.66 3.46
CA LEU B 104 2.78 -0.68 3.56
C LEU B 104 3.75 -1.75 3.08
N THR B 105 4.53 -1.43 2.04
CA THR B 105 5.51 -2.37 1.51
C THR B 105 6.52 -2.70 2.64
N PHE B 106 7.00 -1.66 3.31
CA PHE B 106 7.94 -1.89 4.44
C PHE B 106 7.30 -2.62 5.62
N ALA B 107 6.11 -2.20 6.04
CA ALA B 107 5.41 -2.78 7.17
C ALA B 107 5.11 -4.28 6.92
N ARG B 108 4.64 -4.60 5.73
CA ARG B 108 4.16 -5.96 5.44
C ARG B 108 5.22 -6.81 4.77
N ARG B 109 6.39 -6.24 4.48
CA ARG B 109 7.56 -6.92 3.91
C ARG B 109 7.39 -7.33 2.44
N LEU B 110 6.53 -6.61 1.70
CA LEU B 110 6.23 -7.01 0.34
C LEU B 110 7.44 -7.02 -0.62
N HIS B 111 8.37 -6.10 -0.40
CA HIS B 111 9.57 -6.00 -1.23
C HIS B 111 10.47 -7.21 -0.99
N ALA B 112 10.55 -7.68 0.25
CA ALA B 112 11.38 -8.88 0.49
C ALA B 112 10.74 -10.06 -0.18
N TYR B 113 9.41 -10.10 -0.21
CA TYR B 113 8.74 -11.24 -0.82
C TYR B 113 8.90 -11.20 -2.32
N ARG B 114 8.91 -10.01 -2.88
CA ARG B 114 9.13 -9.88 -4.30
C ARG B 114 10.54 -10.35 -4.67
N ASP B 115 11.53 -10.04 -3.84
CA ASP B 115 12.92 -10.52 -4.04
C ASP B 115 12.94 -12.05 -4.06
N ALA B 116 12.26 -12.64 -3.11
CA ALA B 116 12.15 -14.12 -2.99
C ALA B 116 11.40 -14.78 -4.12
N GLN B 117 10.42 -14.06 -4.66
CA GLN B 117 9.65 -14.52 -5.82
C GLN B 117 10.57 -14.78 -7.03
N HIS B 118 11.61 -13.99 -7.18
CA HIS B 118 12.59 -14.20 -8.27
C HIS B 118 13.39 -15.46 -8.13
N ASP B 119 13.62 -15.87 -6.89
CA ASP B 119 14.34 -17.09 -6.57
C ASP B 119 13.42 -18.30 -6.37
N HIS B 120 12.09 -18.10 -6.48
CA HIS B 120 11.13 -19.14 -6.18
C HIS B 120 11.28 -19.65 -4.76
N ALA B 121 11.67 -18.78 -3.85
CA ALA B 121 11.97 -19.13 -2.47
C ALA B 121 10.79 -18.81 -1.56
N TRP B 122 10.35 -19.77 -0.78
CA TRP B 122 9.30 -19.57 0.23
C TRP B 122 10.04 -19.19 1.51
N ASP B 123 10.43 -17.92 1.59
CA ASP B 123 11.24 -17.43 2.72
C ASP B 123 10.35 -16.70 3.73
N LEU B 124 10.26 -17.20 4.95
CA LEU B 124 9.43 -16.58 5.97
C LEU B 124 10.22 -15.47 6.65
N PRO B 125 9.54 -14.39 7.03
CA PRO B 125 10.22 -13.36 7.77
C PRO B 125 10.53 -13.81 9.20
N ARG B 126 11.47 -13.13 9.83
CA ARG B 126 11.64 -13.22 11.30
CA ARG B 126 11.63 -13.25 11.28
C ARG B 126 10.36 -12.75 11.96
N TYR B 127 10.04 -13.32 13.13
CA TYR B 127 8.82 -12.97 13.82
C TYR B 127 8.69 -11.46 14.02
N GLU B 128 9.79 -10.78 14.37
CA GLU B 128 9.75 -9.33 14.64
C GLU B 128 9.68 -8.40 13.41
N GLU B 129 9.92 -8.92 12.20
CA GLU B 129 9.95 -8.05 10.98
C GLU B 129 8.62 -7.44 10.56
N PRO B 130 7.56 -8.25 10.35
CA PRO B 130 6.27 -7.67 9.95
C PRO B 130 5.59 -6.84 11.04
N PHE B 131 5.11 -5.66 10.67
CA PHE B 131 4.34 -4.82 11.58
C PHE B 131 3.17 -4.16 10.88
N THR B 132 2.32 -3.45 11.63
CA THR B 132 1.17 -2.77 11.06
C THR B 132 1.45 -1.28 11.17
N LEU B 133 1.11 -0.53 10.12
CA LEU B 133 1.14 0.92 10.19
C LEU B 133 0.23 1.51 11.29
N ALA B 134 -0.86 0.83 11.58
CA ALA B 134 -1.78 1.28 12.66
C ALA B 134 -0.97 1.46 13.93
N GLY B 135 -1.03 2.66 14.50
CA GLY B 135 -0.27 2.99 15.72
C GLY B 135 1.15 3.45 15.54
N GLU B 136 1.69 3.37 14.33
CA GLU B 136 3.04 3.86 14.05
C GLU B 136 3.01 5.34 13.72
N ARG B 137 4.15 5.99 13.97
CA ARG B 137 4.27 7.43 13.77
C ARG B 137 4.97 7.80 12.44
N VAL B 138 4.34 8.70 11.69
CA VAL B 138 4.94 9.30 10.48
C VAL B 138 5.08 10.80 10.70
N CYS B 139 6.22 11.36 10.28
CA CYS B 139 6.49 12.79 10.26
C CYS B 139 6.52 13.21 8.78
N VAL B 140 5.62 14.09 8.35
CA VAL B 140 5.57 14.56 6.95
C VAL B 140 6.13 15.97 6.90
N VAL B 141 7.25 16.12 6.19
CA VAL B 141 8.02 17.36 6.14
C VAL B 141 7.59 18.02 4.83
N GLY B 142 6.85 19.13 4.97
CA GLY B 142 6.12 19.72 3.84
C GLY B 142 4.68 19.24 3.81
N LEU B 143 3.75 20.20 3.98
CA LEU B 143 2.34 19.89 4.18
C LEU B 143 1.47 20.64 3.17
N GLY B 144 1.85 20.54 1.92
CA GLY B 144 1.08 21.11 0.81
C GLY B 144 0.27 20.03 0.13
N THR B 145 0.16 20.14 -1.18
CA THR B 145 -0.61 19.14 -1.93
C THR B 145 -0.04 17.71 -1.72
N LEU B 146 1.27 17.53 -1.87
CA LEU B 146 1.86 16.20 -1.65
C LEU B 146 1.73 15.79 -0.19
N GLY B 147 2.20 16.64 0.72
CA GLY B 147 2.23 16.32 2.14
C GLY B 147 0.85 15.96 2.67
N ARG B 148 -0.16 16.75 2.32
CA ARG B 148 -1.50 16.44 2.77
C ARG B 148 -2.05 15.16 2.15
N GLY B 149 -1.70 14.84 0.91
CA GLY B 149 -2.11 13.58 0.31
C GLY B 149 -1.56 12.39 1.05
N VAL B 150 -0.33 12.54 1.52
CA VAL B 150 0.30 11.54 2.36
C VAL B 150 -0.37 11.47 3.72
N VAL B 151 -0.55 12.63 4.35
CA VAL B 151 -1.17 12.73 5.68
C VAL B 151 -2.53 12.05 5.73
N ASP B 152 -3.38 12.39 4.76
CA ASP B 152 -4.75 11.89 4.80
C ASP B 152 -4.84 10.37 4.73
N ARG B 153 -3.95 9.76 3.94
CA ARG B 153 -3.87 8.33 3.79
C ARG B 153 -3.22 7.65 5.00
N ALA B 154 -2.20 8.28 5.58
CA ALA B 154 -1.57 7.75 6.80
C ALA B 154 -2.60 7.76 7.95
N ALA B 155 -3.32 8.87 8.07
CA ALA B 155 -4.36 9.02 9.12
C ALA B 155 -5.47 7.97 8.95
N ALA B 156 -5.87 7.76 7.72
CA ALA B 156 -6.87 6.74 7.39
C ALA B 156 -6.42 5.32 7.76
N LEU B 157 -5.12 5.04 7.62
CA LEU B 157 -4.53 3.78 8.03
C LEU B 157 -4.27 3.67 9.53
N GLY B 158 -4.59 4.69 10.32
CA GLY B 158 -4.48 4.65 11.76
C GLY B 158 -3.14 5.07 12.31
N MET B 159 -2.34 5.76 11.48
CA MET B 159 -1.03 6.18 11.91
C MET B 159 -1.17 7.42 12.79
N GLU B 160 -0.17 7.63 13.64
CA GLU B 160 0.02 8.90 14.35
C GLU B 160 0.77 9.81 13.41
N VAL B 161 0.25 11.01 13.14
CA VAL B 161 0.83 11.90 12.15
C VAL B 161 1.26 13.21 12.80
N VAL B 162 2.51 13.57 12.58
CA VAL B 162 3.05 14.89 12.88
C VAL B 162 3.70 15.42 11.61
N GLY B 163 4.04 16.69 11.57
CA GLY B 163 4.70 17.20 10.40
C GLY B 163 5.32 18.55 10.56
N VAL B 164 5.89 19.03 9.46
CA VAL B 164 6.69 20.27 9.44
C VAL B 164 6.21 21.11 8.26
N ARG B 165 6.03 22.42 8.46
CA ARG B 165 5.73 23.32 7.37
C ARG B 165 6.30 24.71 7.66
N ARG B 166 6.47 25.51 6.62
CA ARG B 166 7.12 26.83 6.75
C ARG B 166 6.36 27.70 7.74
N SER B 167 5.04 27.65 7.65
CA SER B 167 4.17 28.50 8.47
C SER B 167 3.95 28.01 9.90
N GLY B 168 4.26 26.73 10.20
CA GLY B 168 3.95 26.14 11.48
C GLY B 168 2.48 26.01 11.88
N ASP B 169 1.56 26.28 10.96
CA ASP B 169 0.13 26.40 11.32
C ASP B 169 -0.56 25.04 11.19
N PRO B 170 -1.69 24.84 11.90
CA PRO B 170 -2.39 23.57 11.87
C PRO B 170 -2.78 23.09 10.49
N VAL B 171 -2.82 21.75 10.38
CA VAL B 171 -3.22 21.06 9.17
C VAL B 171 -4.11 19.87 9.60
N ASP B 172 -5.23 19.69 8.89
N ASP B 172 -5.22 19.70 8.88
CA ASP B 172 -6.18 18.62 9.20
CA ASP B 172 -6.18 18.62 9.12
C ASP B 172 -5.47 17.28 9.16
C ASP B 172 -5.46 17.27 9.15
N ASN B 173 -5.79 16.43 10.13
CA ASN B 173 -5.18 15.09 10.30
C ASN B 173 -3.73 15.08 10.79
N VAL B 174 -3.16 16.23 11.14
CA VAL B 174 -1.80 16.28 11.63
C VAL B 174 -1.92 16.68 13.07
N SER B 175 -1.48 15.80 13.97
CA SER B 175 -1.65 16.08 15.43
C SER B 175 -0.85 17.28 15.91
N THR B 176 0.40 17.33 15.47
CA THR B 176 1.33 18.36 15.87
C THR B 176 2.10 18.84 14.64
N VAL B 177 2.05 20.14 14.36
CA VAL B 177 2.78 20.78 13.29
C VAL B 177 3.92 21.61 13.88
N TYR B 178 5.11 21.47 13.29
CA TYR B 178 6.34 22.18 13.70
C TYR B 178 6.79 23.13 12.59
N THR B 179 7.48 24.22 12.97
CA THR B 179 8.19 25.03 12.01
C THR B 179 9.52 24.35 11.65
N PRO B 180 10.15 24.77 10.54
CA PRO B 180 11.36 24.06 10.06
C PRO B 180 12.56 24.08 11.03
N ASP B 181 12.63 25.09 11.89
CA ASP B 181 13.67 25.13 12.91
C ASP B 181 13.53 24.08 14.01
N ARG B 182 12.39 23.36 14.06
CA ARG B 182 12.17 22.28 14.96
C ARG B 182 12.09 20.90 14.27
N LEU B 183 12.78 20.77 13.14
CA LEU B 183 12.83 19.50 12.39
C LEU B 183 13.29 18.33 13.25
N HIS B 184 14.30 18.51 14.10
CA HIS B 184 14.83 17.36 14.88
C HIS B 184 13.83 16.85 15.93
N GLU B 185 13.04 17.76 16.50
CA GLU B 185 11.95 17.38 17.39
C GLU B 185 10.89 16.60 16.63
N ALA B 186 10.57 17.06 15.41
CA ALA B 186 9.55 16.43 14.57
C ALA B 186 9.90 15.00 14.12
N ILE B 187 11.15 14.75 13.76
CA ILE B 187 11.51 13.48 13.18
C ILE B 187 11.96 12.46 14.20
N ALA B 188 12.35 12.93 15.39
CA ALA B 188 13.01 12.06 16.39
C ALA B 188 12.31 10.72 16.69
N ASP B 189 10.99 10.75 16.78
CA ASP B 189 10.21 9.60 17.26
C ASP B 189 9.39 8.91 16.16
N ALA B 190 9.74 9.20 14.90
CA ALA B 190 8.93 8.74 13.78
C ALA B 190 9.49 7.45 13.18
N ARG B 191 8.59 6.51 12.87
CA ARG B 191 8.95 5.33 12.15
C ARG B 191 9.21 5.64 10.66
N PHE B 192 8.48 6.63 10.13
CA PHE B 192 8.70 7.10 8.77
C PHE B 192 8.86 8.59 8.72
N VAL B 193 9.78 9.08 7.92
CA VAL B 193 9.97 10.54 7.72
C VAL B 193 9.81 10.76 6.22
N VAL B 194 8.80 11.53 5.83
CA VAL B 194 8.47 11.76 4.44
C VAL B 194 8.78 13.19 4.04
N LEU B 195 9.54 13.35 2.94
CA LEU B 195 9.93 14.62 2.44
C LEU B 195 9.07 15.01 1.24
N ALA B 196 8.40 16.16 1.40
CA ALA B 196 7.45 16.66 0.42
C ALA B 196 7.54 18.19 0.28
N THR B 197 8.76 18.73 0.34
CA THR B 197 8.99 20.18 0.25
C THR B 197 9.49 20.52 -1.12
N PRO B 198 9.24 21.76 -1.57
CA PRO B 198 10.00 22.21 -2.75
C PRO B 198 11.50 22.27 -2.44
N LEU B 199 12.28 22.29 -3.50
CA LEU B 199 13.70 22.58 -3.44
C LEU B 199 13.91 24.09 -3.49
N THR B 200 14.43 24.61 -2.40
CA THR B 200 14.67 26.04 -2.23
C THR B 200 16.04 26.19 -1.58
N ASP B 201 16.48 27.44 -1.49
CA ASP B 201 17.67 27.81 -0.73
C ASP B 201 17.66 27.22 0.69
N GLU B 202 16.52 27.25 1.37
CA GLU B 202 16.36 26.81 2.72
C GLU B 202 16.29 25.28 2.82
N THR B 203 15.64 24.61 1.87
CA THR B 203 15.51 23.15 1.95
C THR B 203 16.68 22.33 1.36
N GLU B 204 17.55 22.94 0.56
CA GLU B 204 18.63 22.17 -0.04
C GLU B 204 19.53 21.61 1.07
N GLY B 205 19.77 20.31 0.99
CA GLY B 205 20.58 19.62 1.98
C GLY B 205 20.04 19.61 3.38
N MET B 206 18.74 19.82 3.55
CA MET B 206 18.07 19.74 4.85
C MET B 206 18.27 18.45 5.65
N VAL B 207 18.30 17.33 4.93
CA VAL B 207 18.37 16.03 5.54
C VAL B 207 19.73 15.44 5.23
N ALA B 208 20.58 15.40 6.26
CA ALA B 208 21.99 15.03 6.11
C ALA B 208 22.39 14.22 7.35
N ALA B 209 23.69 14.01 7.57
CA ALA B 209 24.11 13.14 8.65
C ALA B 209 23.51 13.45 10.04
N PRO B 210 23.41 14.74 10.43
CA PRO B 210 22.82 14.98 11.75
C PRO B 210 21.36 14.52 11.89
N GLU B 211 20.59 14.67 10.81
CA GLU B 211 19.19 14.25 10.84
C GLU B 211 19.10 12.72 10.86
N PHE B 212 19.97 12.02 10.13
CA PHE B 212 20.00 10.54 10.17
C PHE B 212 20.44 10.01 11.55
N GLU B 213 21.31 10.77 12.22
CA GLU B 213 21.62 10.46 13.63
C GLU B 213 20.39 10.60 14.53
N THR B 214 19.65 11.72 14.38
CA THR B 214 18.50 11.97 15.22
C THR B 214 17.41 10.90 14.97
N MET B 215 17.21 10.53 13.71
CA MET B 215 16.19 9.55 13.37
C MET B 215 16.37 8.20 14.11
N ARG B 216 15.25 7.56 14.42
CA ARG B 216 15.28 6.18 14.91
C ARG B 216 16.05 5.23 14.00
N GLU B 217 16.76 4.26 14.60
CA GLU B 217 17.52 3.29 13.84
C GLU B 217 16.62 2.35 13.04
N ASP B 218 15.38 2.17 13.51
CA ASP B 218 14.37 1.40 12.77
C ASP B 218 13.48 2.24 11.82
N ALA B 219 13.84 3.50 11.60
CA ALA B 219 13.02 4.37 10.75
C ALA B 219 13.45 4.31 9.29
N SER B 220 12.50 4.67 8.42
CA SER B 220 12.78 4.80 7.00
C SER B 220 12.49 6.22 6.52
N LEU B 221 13.35 6.69 5.61
CA LEU B 221 13.18 7.97 4.95
C LEU B 221 12.40 7.78 3.63
N VAL B 222 11.43 8.63 3.34
CA VAL B 222 10.78 8.65 2.03
C VAL B 222 11.06 9.99 1.38
N ASN B 223 11.64 9.99 0.18
CA ASN B 223 11.82 11.23 -0.53
C ASN B 223 11.03 11.22 -1.84
N VAL B 224 10.00 12.05 -1.85
CA VAL B 224 9.23 12.30 -3.06
C VAL B 224 9.26 13.76 -3.44
N ALA B 225 10.24 14.49 -2.91
CA ALA B 225 10.35 15.92 -3.12
C ALA B 225 11.35 16.20 -4.25
N ARG B 226 12.59 16.52 -3.91
CA ARG B 226 13.67 16.62 -4.86
C ARG B 226 14.90 15.97 -4.24
N GLY B 227 15.76 15.41 -5.10
CA GLY B 227 16.93 14.69 -4.63
C GLY B 227 17.80 15.56 -3.73
N PRO B 228 18.09 16.81 -4.14
CA PRO B 228 19.00 17.62 -3.32
C PRO B 228 18.48 18.12 -1.96
N VAL B 229 17.23 17.82 -1.59
CA VAL B 229 16.76 18.05 -0.24
C VAL B 229 17.54 17.13 0.74
N VAL B 230 18.00 15.98 0.21
CA VAL B 230 18.84 15.05 0.96
C VAL B 230 20.31 15.18 0.51
N VAL B 231 21.25 15.08 1.44
CA VAL B 231 22.67 14.89 1.06
C VAL B 231 22.88 13.41 0.81
N GLU B 232 22.95 13.06 -0.47
CA GLU B 232 22.81 11.69 -0.91
C GLU B 232 23.94 10.82 -0.38
N SER B 233 25.14 11.42 -0.31
CA SER B 233 26.28 10.67 0.22
C SER B 233 26.10 10.36 1.68
N ASP B 234 25.50 11.29 2.43
CA ASP B 234 25.21 11.04 3.83
C ASP B 234 24.14 9.97 4.02
N LEU B 235 23.19 9.93 3.09
CA LEU B 235 22.18 8.90 3.11
C LEU B 235 22.80 7.50 2.93
N VAL B 236 23.69 7.38 1.96
CA VAL B 236 24.39 6.12 1.72
C VAL B 236 25.12 5.69 3.00
N ALA B 237 25.87 6.60 3.59
CA ALA B 237 26.60 6.31 4.83
C ALA B 237 25.70 5.94 6.00
N ALA B 238 24.59 6.63 6.16
CA ALA B 238 23.65 6.26 7.20
C ALA B 238 23.06 4.87 7.00
N LEU B 239 22.72 4.51 5.75
CA LEU B 239 22.16 3.19 5.49
C LEU B 239 23.21 2.09 5.79
N ASP B 240 24.44 2.27 5.30
CA ASP B 240 25.53 1.31 5.56
C ASP B 240 25.83 1.18 7.06
N SER B 241 25.75 2.27 7.81
CA SER B 241 26.06 2.25 9.27
C SER B 241 24.89 1.84 10.17
N GLY B 242 23.69 1.73 9.61
CA GLY B 242 22.50 1.46 10.40
C GLY B 242 21.93 2.61 11.24
N ASP B 243 22.28 3.86 10.91
CA ASP B 243 21.70 5.05 11.59
C ASP B 243 20.19 5.17 11.35
N ILE B 244 19.77 4.71 10.16
CA ILE B 244 18.37 4.45 9.85
C ILE B 244 18.27 3.09 9.16
N ALA B 245 17.05 2.57 9.05
CA ALA B 245 16.81 1.23 8.53
C ALA B 245 16.70 1.08 7.00
N GLY B 246 16.28 2.14 6.34
CA GLY B 246 15.97 2.08 4.91
C GLY B 246 15.32 3.34 4.39
N ALA B 247 14.90 3.28 3.14
CA ALA B 247 14.40 4.47 2.45
C ALA B 247 13.59 4.07 1.26
N ALA B 248 12.59 4.87 0.93
CA ALA B 248 11.93 4.78 -0.36
C ALA B 248 12.19 6.09 -1.09
N LEU B 249 12.83 6.03 -2.25
CA LEU B 249 13.35 7.18 -2.94
C LEU B 249 12.86 7.23 -4.36
N ASP B 250 12.16 8.32 -4.70
CA ASP B 250 11.62 8.57 -6.03
C ASP B 250 12.41 9.62 -6.81
N VAL B 251 13.26 10.35 -6.11
CA VAL B 251 13.98 11.49 -6.64
C VAL B 251 15.43 11.44 -6.14
N PHE B 252 16.35 11.95 -6.97
CA PHE B 252 17.80 11.77 -6.77
C PHE B 252 18.56 13.00 -7.22
N SER B 253 19.80 13.14 -6.74
CA SER B 253 20.65 14.27 -7.13
C SER B 253 20.98 14.26 -8.59
N GLU B 254 21.21 13.07 -9.14
CA GLU B 254 21.32 12.85 -10.56
C GLU B 254 20.23 11.85 -10.99
N GLU B 255 19.44 12.23 -12.02
CA GLU B 255 18.44 11.35 -12.61
C GLU B 255 18.61 11.21 -14.13
N PRO B 256 18.57 10.01 -14.71
CA PRO B 256 18.51 8.72 -14.02
C PRO B 256 19.58 8.53 -12.99
N LEU B 257 19.24 7.82 -11.92
CA LEU B 257 20.20 7.41 -10.92
C LEU B 257 21.28 6.53 -11.58
N PRO B 258 22.55 6.97 -11.49
CA PRO B 258 23.60 6.19 -12.12
C PRO B 258 23.61 4.71 -11.70
N GLU B 259 23.93 3.83 -12.65
CA GLU B 259 23.96 2.40 -12.37
C GLU B 259 24.89 2.02 -11.20
N ASP B 260 25.97 2.79 -10.98
CA ASP B 260 26.93 2.49 -9.92
C ASP B 260 26.57 3.07 -8.57
N SER B 261 25.40 3.72 -8.42
CA SER B 261 24.97 4.15 -7.10
C SER B 261 24.83 2.98 -6.13
N PRO B 262 25.33 3.16 -4.90
CA PRO B 262 25.11 2.13 -3.90
C PRO B 262 23.62 1.97 -3.52
N LEU B 263 22.81 2.99 -3.79
CA LEU B 263 21.40 2.98 -3.38
C LEU B 263 20.63 1.81 -3.96
N TRP B 264 20.94 1.42 -5.20
CA TRP B 264 20.25 0.30 -5.82
C TRP B 264 20.33 -0.99 -5.01
N ASP B 265 21.42 -1.20 -4.27
CA ASP B 265 21.68 -2.52 -3.66
C ASP B 265 21.21 -2.77 -2.26
N PHE B 266 20.73 -1.74 -1.55
CA PHE B 266 20.25 -1.95 -0.22
C PHE B 266 18.92 -2.66 -0.32
N GLU B 267 18.78 -3.77 0.40
CA GLU B 267 17.50 -4.51 0.43
C GLU B 267 16.35 -3.62 0.85
N ASP B 268 16.56 -2.86 1.91
CA ASP B 268 15.50 -2.02 2.48
C ASP B 268 15.48 -0.60 1.89
N VAL B 269 15.97 -0.45 0.68
CA VAL B 269 15.75 0.74 -0.11
C VAL B 269 14.87 0.34 -1.30
N LEU B 270 13.84 1.15 -1.52
CA LEU B 270 13.01 1.09 -2.73
C LEU B 270 13.41 2.23 -3.62
N ILE B 271 13.78 1.92 -4.86
CA ILE B 271 14.07 2.90 -5.87
C ILE B 271 12.89 2.94 -6.83
N THR B 272 12.33 4.14 -7.04
CA THR B 272 11.35 4.36 -8.10
C THR B 272 11.78 5.54 -8.99
N PRO B 273 11.54 5.42 -10.33
CA PRO B 273 12.22 6.33 -11.24
C PRO B 273 11.49 7.67 -11.48
N HIS B 274 11.28 8.42 -10.40
CA HIS B 274 10.55 9.72 -10.45
C HIS B 274 9.15 9.58 -11.07
N VAL B 275 8.41 8.65 -10.49
CA VAL B 275 7.13 8.25 -10.97
C VAL B 275 6.08 8.19 -9.83
N SER B 276 6.33 8.81 -8.67
CA SER B 276 5.37 8.66 -7.55
C SER B 276 4.08 9.39 -7.88
N ALA B 277 4.17 10.32 -8.82
CA ALA B 277 2.98 11.10 -9.25
C ALA B 277 2.46 10.62 -10.61
N ALA B 278 2.94 9.51 -11.13
CA ALA B 278 2.59 9.10 -12.49
C ALA B 278 1.12 8.71 -12.57
N THR B 279 0.45 9.05 -13.68
CA THR B 279 -0.95 8.69 -13.83
C THR B 279 -1.27 8.72 -15.32
N SER B 280 -2.04 7.74 -15.78
CA SER B 280 -2.51 7.67 -17.16
C SER B 280 -3.39 8.85 -17.55
N LYS B 281 -3.87 9.64 -16.58
CA LYS B 281 -4.68 10.83 -16.83
C LYS B 281 -3.96 12.19 -16.61
N TYR B 282 -2.63 12.17 -16.54
CA TYR B 282 -1.87 13.38 -16.26
C TYR B 282 -2.20 14.49 -17.26
N HIS B 283 -2.31 14.14 -18.53
CA HIS B 283 -2.68 15.10 -19.57
C HIS B 283 -3.98 15.86 -19.29
N GLU B 284 -5.01 15.17 -18.79
CA GLU B 284 -6.27 15.80 -18.42
CA GLU B 284 -6.27 15.78 -18.43
C GLU B 284 -6.13 16.67 -17.19
N ASP B 285 -5.36 16.20 -16.20
CA ASP B 285 -5.21 16.97 -14.95
C ASP B 285 -4.50 18.31 -15.20
N VAL B 286 -3.47 18.30 -16.05
CA VAL B 286 -2.72 19.52 -16.40
C VAL B 286 -3.61 20.39 -17.31
N ALA B 287 -4.32 19.75 -18.24
CA ALA B 287 -5.22 20.52 -19.12
C ALA B 287 -6.29 21.29 -18.37
N ALA B 288 -6.82 20.71 -17.31
CA ALA B 288 -7.81 21.41 -16.49
C ALA B 288 -7.22 22.68 -15.84
N LEU B 289 -5.96 22.64 -15.42
CA LEU B 289 -5.31 23.84 -14.86
C LEU B 289 -5.17 24.92 -15.93
N ILE B 290 -4.77 24.51 -17.11
CA ILE B 290 -4.63 25.43 -18.27
C ILE B 290 -5.98 26.09 -18.57
N ARG B 291 -7.03 25.29 -18.73
CA ARG B 291 -8.42 25.81 -18.89
C ARG B 291 -8.85 26.82 -17.83
N GLU B 292 -8.54 26.51 -16.57
CA GLU B 292 -8.96 27.34 -15.48
C GLU B 292 -8.36 28.73 -15.60
N ASN B 293 -7.08 28.75 -15.91
CA ASN B 293 -6.32 29.99 -16.04
C ASN B 293 -6.65 30.78 -17.30
N ILE B 294 -7.11 30.09 -18.34
CA ILE B 294 -7.61 30.79 -19.54
C ILE B 294 -8.84 31.61 -19.17
N GLU B 295 -9.74 31.00 -18.40
CA GLU B 295 -10.96 31.68 -17.98
C GLU B 295 -10.62 32.83 -17.02
N LYS B 296 -9.69 32.62 -16.10
CA LYS B 296 -9.16 33.69 -15.20
C LYS B 296 -8.66 34.91 -15.98
N ILE B 297 -7.83 34.65 -16.99
CA ILE B 297 -7.34 35.70 -17.89
C ILE B 297 -8.50 36.38 -18.61
N ALA B 298 -9.35 35.58 -19.25
CA ALA B 298 -10.50 36.13 -20.00
C ALA B 298 -11.43 37.01 -19.16
N THR B 299 -11.66 36.64 -17.90
CA THR B 299 -12.49 37.42 -16.97
C THR B 299 -11.70 38.42 -16.09
N GLY B 300 -10.39 38.52 -16.31
CA GLY B 300 -9.55 39.53 -15.65
C GLY B 300 -9.25 39.29 -14.17
N ASP B 301 -9.22 38.02 -13.76
CA ASP B 301 -8.97 37.66 -12.36
C ASP B 301 -7.55 37.13 -12.20
N GLU B 302 -7.16 36.94 -10.93
CA GLU B 302 -5.80 36.49 -10.60
C GLU B 302 -5.63 35.03 -11.00
N LEU B 303 -4.46 34.73 -11.54
CA LEU B 303 -4.14 33.37 -12.00
C LEU B 303 -3.99 32.43 -10.82
N THR B 304 -4.44 31.19 -11.02
CA THR B 304 -4.20 30.09 -10.11
C THR B 304 -2.74 29.66 -10.24
N ASN B 305 -2.10 29.41 -9.10
CA ASN B 305 -0.69 28.94 -9.04
C ASN B 305 0.35 29.89 -9.63
N ARG B 306 0.18 31.20 -9.42
CA ARG B 306 1.11 32.17 -9.96
C ARG B 306 2.38 32.19 -9.13
N VAL B 307 3.50 31.89 -9.78
CA VAL B 307 4.81 31.91 -9.13
C VAL B 307 5.26 33.36 -9.11
N VAL B 308 5.33 33.96 -10.30
CA VAL B 308 5.60 35.40 -10.46
C VAL B 308 4.92 35.96 -11.72
#